data_3BWX
#
_entry.id   3BWX
#
_cell.length_a   44.480
_cell.length_b   69.950
_cell.length_c   82.220
_cell.angle_alpha   90.000
_cell.angle_beta   90.000
_cell.angle_gamma   90.000
#
_symmetry.space_group_name_H-M   'P 21 21 21'
#
loop_
_entity.id
_entity.type
_entity.pdbx_description
1 polymer 'Alpha/beta hydrolase'
2 non-polymer 'CALCIUM ION'
3 non-polymer 'CHLORIDE ION'
4 non-polymer 1,2-ETHANEDIOL
5 water water
#
_entity_poly.entity_id   1
_entity_poly.type   'polypeptide(L)'
_entity_poly.pdbx_seq_one_letter_code
;G(MSE)AEYEDRYWTSSDGLRLHFRAYEGDISRPPVLCLPGLTRNARDFEDLATRLAGDWRVLCPE(MSE)RGRGDSDYA
KDP(MSE)TYQP(MSE)QYLQDLEALLAQEGIERFVAIGTSLGGLLT(MSE)LLAAANPARIAAAVLNDVGPEVSPEGLE
RIRGYVGQGRNFETW(MSE)HAARALQESSGDVYPDWDITQWLRYAKRI(MSE)VLGSSGRIAFDYD(MSE)KIAEPFEA
PVGATPQVD(MSE)WPLFDALATRPLLVLRGETSDILSAQTAAK(MSE)ASRPGVELVTLPRIGHAPTLDEPESIAAIGR
LLERV
;
_entity_poly.pdbx_strand_id   A
#
loop_
_chem_comp.id
_chem_comp.type
_chem_comp.name
_chem_comp.formula
CA non-polymer 'CALCIUM ION' 'Ca 2'
CL non-polymer 'CHLORIDE ION' 'Cl -1'
EDO non-polymer 1,2-ETHANEDIOL 'C2 H6 O2'
#
# COMPACT_ATOMS: atom_id res chain seq x y z
N GLY A 1 14.03 23.10 -2.39
CA GLY A 1 14.94 21.99 -1.96
C GLY A 1 15.09 20.94 -3.04
N MSE A 2 16.06 20.04 -2.86
CA MSE A 2 16.28 18.91 -3.78
C MSE A 2 15.45 17.69 -3.34
O MSE A 2 15.27 17.45 -2.13
CB MSE A 2 17.77 18.56 -3.89
CG MSE A 2 18.62 19.58 -4.73
SE MSE A 2 18.53 19.40 -6.73
CE MSE A 2 19.46 17.68 -6.98
N ALA A 3 14.89 16.94 -4.29
CA ALA A 3 14.08 15.77 -3.96
C ALA A 3 14.88 14.53 -4.22
N GLU A 4 14.52 13.42 -3.55
CA GLU A 4 15.20 12.15 -3.79
C GLU A 4 14.62 11.37 -5.02
N TYR A 5 13.51 11.88 -5.56
CA TYR A 5 12.74 11.26 -6.67
C TYR A 5 12.43 12.23 -7.82
N GLU A 6 11.94 11.65 -8.91
CA GLU A 6 11.44 12.37 -10.06
C GLU A 6 10.01 11.96 -10.24
N ASP A 7 9.19 12.91 -10.65
CA ASP A 7 7.79 12.68 -10.88
C ASP A 7 7.63 12.08 -12.29
N ARG A 8 6.93 10.95 -12.36
CA ARG A 8 6.72 10.25 -13.64
C ARG A 8 5.26 9.88 -13.78
N TYR A 9 4.86 9.58 -15.03
CA TYR A 9 3.47 9.36 -15.41
C TYR A 9 3.35 8.18 -16.34
N TRP A 10 2.16 7.59 -16.35
CA TRP A 10 1.81 6.59 -17.37
C TRP A 10 0.34 6.79 -17.65
N THR A 11 -0.13 6.22 -18.75
CA THR A 11 -1.52 6.39 -19.15
C THR A 11 -2.37 5.08 -19.01
N SER A 12 -3.54 5.20 -18.41
CA SER A 12 -4.44 4.04 -18.31
C SER A 12 -5.10 3.82 -19.68
N SER A 13 -5.61 2.60 -19.91
CA SER A 13 -6.34 2.33 -21.16
C SER A 13 -7.41 3.34 -21.45
N ASP A 14 -8.14 3.71 -20.42
CA ASP A 14 -9.26 4.60 -20.54
C ASP A 14 -8.89 6.09 -20.45
N GLY A 15 -7.59 6.37 -20.48
CA GLY A 15 -7.18 7.74 -20.74
C GLY A 15 -6.72 8.63 -19.57
N LEU A 16 -6.62 8.04 -18.38
CA LEU A 16 -6.16 8.79 -17.20
C LEU A 16 -4.65 8.88 -17.17
N ARG A 17 -4.15 10.04 -16.74
CA ARG A 17 -2.77 10.22 -16.42
C ARG A 17 -2.57 9.83 -14.98
N LEU A 18 -1.82 8.76 -14.80
CA LEU A 18 -1.56 8.22 -13.46
C LEU A 18 -0.09 8.52 -13.12
N HIS A 19 0.16 8.66 -11.83
CA HIS A 19 1.42 9.21 -11.30
C HIS A 19 2.24 8.21 -10.48
N PHE A 20 3.55 8.22 -10.70
CA PHE A 20 4.47 7.49 -9.82
C PHE A 20 5.69 8.31 -9.52
N ARG A 21 6.19 8.18 -8.29
CA ARG A 21 7.50 8.70 -7.94
C ARG A 21 8.53 7.69 -8.33
N ALA A 22 9.60 8.13 -8.97
CA ALA A 22 10.69 7.22 -9.37
C ALA A 22 11.96 7.64 -8.68
N TYR A 23 12.60 6.70 -8.01
CA TYR A 23 13.87 6.92 -7.33
C TYR A 23 14.91 6.14 -8.06
N GLU A 24 15.98 6.82 -8.42
CA GLU A 24 17.02 6.22 -9.23
C GLU A 24 17.85 5.26 -8.38
N GLY A 25 18.38 4.25 -9.04
CA GLY A 25 19.24 3.28 -8.38
C GLY A 25 19.80 2.27 -9.34
N ASP A 26 20.34 1.21 -8.73
CA ASP A 26 21.09 0.15 -9.39
C ASP A 26 20.26 -0.51 -10.50
N ILE A 27 20.69 -0.29 -11.74
CA ILE A 27 20.02 -0.86 -12.94
C ILE A 27 20.35 -2.35 -13.09
N SER A 28 21.28 -2.89 -12.29
CA SER A 28 21.65 -4.29 -12.36
C SER A 28 20.84 -5.15 -11.39
N ARG A 29 19.87 -4.55 -10.73
CA ARG A 29 18.95 -5.27 -9.84
C ARG A 29 17.55 -4.94 -10.35
N PRO A 30 16.58 -5.82 -10.10
CA PRO A 30 15.23 -5.44 -10.49
C PRO A 30 14.77 -4.23 -9.69
N PRO A 31 13.77 -3.50 -10.23
CA PRO A 31 13.25 -2.38 -9.44
C PRO A 31 12.30 -2.82 -8.35
N VAL A 32 12.09 -1.94 -7.38
CA VAL A 32 11.19 -2.18 -6.26
C VAL A 32 9.89 -1.39 -6.50
N LEU A 33 8.75 -2.08 -6.62
CA LEU A 33 7.47 -1.43 -6.84
C LEU A 33 6.67 -1.40 -5.53
N CYS A 34 6.33 -0.22 -5.04
CA CYS A 34 5.66 -0.04 -3.75
C CYS A 34 4.22 0.30 -4.00
N LEU A 35 3.32 -0.54 -3.53
CA LEU A 35 1.93 -0.44 -3.79
C LEU A 35 1.17 -0.05 -2.53
N PRO A 36 0.52 1.13 -2.53
CA PRO A 36 -0.14 1.61 -1.32
C PRO A 36 -1.48 0.94 -1.03
N GLY A 37 -1.96 1.21 0.18
CA GLY A 37 -3.26 0.80 0.63
C GLY A 37 -4.38 1.59 -0.01
N LEU A 38 -5.61 1.20 0.33
CA LEU A 38 -6.83 1.66 -0.33
C LEU A 38 -6.92 3.14 -0.47
N THR A 39 -6.71 3.88 0.60
CA THR A 39 -6.85 5.35 0.64
C THR A 39 -5.52 6.09 0.53
N ARG A 40 -4.47 5.38 0.12
CA ARG A 40 -3.13 5.85 0.33
C ARG A 40 -2.45 6.17 -0.99
N ASN A 41 -1.31 6.83 -0.91
CA ASN A 41 -0.57 7.38 -2.04
C ASN A 41 0.96 7.15 -1.86
N ALA A 42 1.75 7.68 -2.79
CA ALA A 42 3.18 7.42 -2.81
C ALA A 42 3.87 7.89 -1.53
N ARG A 43 3.29 8.87 -0.85
CA ARG A 43 3.91 9.40 0.38
C ARG A 43 4.01 8.39 1.52
N ASP A 44 3.22 7.32 1.46
CA ASP A 44 3.34 6.26 2.49
C ASP A 44 4.71 5.64 2.45
N PHE A 45 5.37 5.74 1.29
CA PHE A 45 6.72 5.20 1.08
C PHE A 45 7.83 6.22 1.09
N GLU A 46 7.55 7.45 1.51
CA GLU A 46 8.50 8.54 1.30
C GLU A 46 9.82 8.32 2.05
N ASP A 47 9.77 7.69 3.22
CA ASP A 47 11.01 7.38 3.99
C ASP A 47 11.64 6.04 3.56
N LEU A 48 10.81 5.01 3.35
CA LEU A 48 11.35 3.71 2.93
C LEU A 48 12.07 3.85 1.59
N ALA A 49 11.46 4.55 0.66
CA ALA A 49 12.04 4.73 -0.65
C ALA A 49 13.43 5.41 -0.56
N THR A 50 13.56 6.42 0.31
CA THR A 50 14.87 7.10 0.47
C THR A 50 15.90 6.17 1.08
N ARG A 51 15.47 5.25 1.94
CA ARG A 51 16.40 4.24 2.50
C ARG A 51 16.80 3.17 1.49
N LEU A 52 15.97 2.89 0.48
CA LEU A 52 16.28 1.89 -0.54
C LEU A 52 16.98 2.45 -1.75
N ALA A 53 16.71 3.72 -2.06
CA ALA A 53 17.23 4.42 -3.27
C ALA A 53 18.75 4.33 -3.43
N GLY A 54 19.17 4.24 -4.68
CA GLY A 54 20.57 4.11 -5.04
C GLY A 54 20.90 2.65 -5.04
N ASP A 55 20.77 2.01 -3.88
CA ASP A 55 20.93 0.55 -3.83
C ASP A 55 19.90 -0.16 -4.69
N TRP A 56 18.74 0.43 -4.82
CA TRP A 56 17.62 -0.02 -5.62
C TRP A 56 16.93 1.13 -6.37
N ARG A 57 16.48 0.83 -7.57
CA ARG A 57 15.50 1.69 -8.22
C ARG A 57 14.17 1.49 -7.52
N VAL A 58 13.39 2.54 -7.30
CA VAL A 58 12.16 2.38 -6.57
C VAL A 58 11.07 3.16 -7.29
N LEU A 59 9.95 2.47 -7.55
CA LEU A 59 8.78 3.07 -8.20
C LEU A 59 7.63 3.07 -7.17
N CYS A 60 6.99 4.24 -7.00
CA CYS A 60 5.91 4.42 -6.02
C CYS A 60 4.71 4.98 -6.74
N PRO A 61 3.93 4.09 -7.33
CA PRO A 61 2.73 4.53 -8.04
C PRO A 61 1.55 4.85 -7.15
N GLU A 62 0.64 5.69 -7.64
CA GLU A 62 -0.61 6.04 -6.99
C GLU A 62 -1.78 5.63 -7.91
N MSE A 63 -2.75 4.91 -7.35
CA MSE A 63 -3.85 4.47 -8.16
C MSE A 63 -4.75 5.65 -8.58
O MSE A 63 -4.70 6.76 -7.98
CB MSE A 63 -4.65 3.42 -7.42
CG MSE A 63 -3.83 2.18 -7.19
SE MSE A 63 -2.99 1.26 -8.74
CE MSE A 63 -1.33 2.33 -8.90
N ARG A 64 -5.57 5.43 -9.60
CA ARG A 64 -6.51 6.46 -10.02
C ARG A 64 -7.29 6.88 -8.77
N GLY A 65 -7.50 8.18 -8.66
CA GLY A 65 -8.26 8.77 -7.55
C GLY A 65 -7.46 9.02 -6.29
N ARG A 66 -6.16 8.73 -6.30
CA ARG A 66 -5.34 8.95 -5.12
C ARG A 66 -4.17 9.86 -5.46
N GLY A 67 -3.84 10.75 -4.54
CA GLY A 67 -2.65 11.60 -4.71
C GLY A 67 -2.75 12.43 -5.94
N ASP A 68 -1.69 12.43 -6.75
CA ASP A 68 -1.64 13.25 -7.96
C ASP A 68 -2.13 12.51 -9.18
N SER A 69 -2.55 11.24 -9.02
CA SER A 69 -3.17 10.55 -10.15
C SER A 69 -4.53 11.14 -10.50
N ASP A 70 -4.87 11.10 -11.77
CA ASP A 70 -6.11 11.63 -12.20
C ASP A 70 -7.24 10.93 -11.51
N TYR A 71 -8.33 11.69 -11.30
CA TYR A 71 -9.60 11.17 -10.83
C TYR A 71 -10.42 10.62 -12.00
N ALA A 72 -11.20 9.57 -11.77
CA ALA A 72 -12.00 8.95 -12.81
C ALA A 72 -13.28 9.69 -13.04
N LYS A 73 -13.63 9.88 -14.32
CA LYS A 73 -14.95 10.42 -14.66
C LYS A 73 -16.05 9.46 -14.24
N ASP A 74 -15.78 8.16 -14.33
CA ASP A 74 -16.67 7.08 -13.95
C ASP A 74 -16.16 6.41 -12.66
N PRO A 75 -16.75 6.82 -11.52
CA PRO A 75 -16.31 6.21 -10.27
C PRO A 75 -16.52 4.70 -10.15
N MSE A 76 -17.29 4.06 -11.04
CA MSE A 76 -17.40 2.61 -11.02
C MSE A 76 -16.06 1.97 -11.44
O MSE A 76 -15.84 0.78 -11.22
CB MSE A 76 -18.55 2.08 -11.93
CG MSE A 76 -18.88 0.63 -11.64
SE MSE A 76 -20.51 0.11 -12.52
CE MSE A 76 -20.27 -1.84 -12.39
N THR A 77 -15.13 2.72 -12.03
CA THR A 77 -13.80 2.18 -12.29
C THR A 77 -12.84 2.10 -11.09
N TYR A 78 -13.32 2.60 -9.94
CA TYR A 78 -12.58 2.50 -8.66
C TYR A 78 -12.80 1.10 -8.07
N GLN A 79 -12.11 0.11 -8.63
CA GLN A 79 -12.24 -1.25 -8.15
C GLN A 79 -10.94 -2.01 -8.40
N PRO A 80 -10.69 -3.03 -7.57
CA PRO A 80 -9.40 -3.74 -7.65
C PRO A 80 -8.95 -4.26 -8.97
N MSE A 81 -9.84 -4.83 -9.77
CA MSE A 81 -9.37 -5.31 -11.10
C MSE A 81 -8.94 -4.23 -12.07
O MSE A 81 -8.14 -4.46 -12.96
CB MSE A 81 -10.39 -6.27 -11.72
CG MSE A 81 -10.69 -7.47 -10.82
SE MSE A 81 -9.14 -8.49 -10.19
CE MSE A 81 -8.61 -9.11 -11.84
N GLN A 82 -9.50 -3.03 -11.90
CA GLN A 82 -9.08 -1.88 -12.65
C GLN A 82 -7.68 -1.41 -12.20
N TYR A 83 -7.46 -1.36 -10.89
CA TYR A 83 -6.11 -1.02 -10.43
C TYR A 83 -5.10 -2.03 -10.93
N LEU A 84 -5.46 -3.30 -10.95
CA LEU A 84 -4.55 -4.35 -11.46
C LEU A 84 -4.23 -4.08 -12.95
N GLN A 85 -5.26 -3.79 -13.77
CA GLN A 85 -5.04 -3.44 -15.16
C GLN A 85 -4.13 -2.21 -15.33
N ASP A 86 -4.35 -1.20 -14.48
CA ASP A 86 -3.56 0.00 -14.56
C ASP A 86 -2.10 -0.33 -14.21
N LEU A 87 -1.87 -1.21 -13.25
CA LEU A 87 -0.49 -1.58 -12.93
C LEU A 87 0.15 -2.39 -14.07
N GLU A 88 -0.63 -3.31 -14.70
CA GLU A 88 -0.12 -3.98 -15.89
C GLU A 88 0.28 -2.97 -16.96
N ALA A 89 -0.50 -1.91 -17.10
CA ALA A 89 -0.19 -0.86 -18.07
C ALA A 89 1.12 -0.12 -17.70
N LEU A 90 1.32 0.19 -16.41
CA LEU A 90 2.58 0.76 -15.95
C LEU A 90 3.77 -0.14 -16.29
N LEU A 91 3.63 -1.43 -15.97
CA LEU A 91 4.74 -2.36 -16.20
C LEU A 91 5.07 -2.47 -17.68
N ALA A 92 4.03 -2.54 -18.54
CA ALA A 92 4.19 -2.60 -19.99
C ALA A 92 4.88 -1.35 -20.50
N GLN A 93 4.37 -0.21 -20.06
CA GLN A 93 4.86 1.07 -20.57
C GLN A 93 6.29 1.38 -20.18
N GLU A 94 6.69 0.88 -19.01
CA GLU A 94 8.07 1.05 -18.50
C GLU A 94 9.02 -0.07 -18.85
N GLY A 95 8.50 -1.12 -19.47
CA GLY A 95 9.34 -2.22 -19.91
C GLY A 95 9.88 -3.08 -18.80
N ILE A 96 9.13 -3.16 -17.72
CA ILE A 96 9.59 -3.89 -16.53
C ILE A 96 9.10 -5.34 -16.62
N GLU A 97 10.04 -6.30 -16.64
CA GLU A 97 9.64 -7.70 -16.74
C GLU A 97 9.70 -8.41 -15.37
N ARG A 98 10.60 -7.99 -14.53
CA ARG A 98 10.84 -8.65 -13.23
C ARG A 98 11.01 -7.55 -12.20
N PHE A 99 10.45 -7.73 -11.02
CA PHE A 99 10.42 -6.67 -10.01
C PHE A 99 10.21 -7.23 -8.64
N VAL A 100 10.63 -6.45 -7.64
CA VAL A 100 10.26 -6.70 -6.24
C VAL A 100 8.98 -5.93 -5.99
N ALA A 101 8.06 -6.56 -5.28
CA ALA A 101 6.78 -5.93 -4.96
C ALA A 101 6.67 -5.77 -3.45
N ILE A 102 6.38 -4.57 -2.96
CA ILE A 102 6.10 -4.29 -1.54
C ILE A 102 4.68 -3.76 -1.50
N GLY A 103 3.71 -4.50 -0.93
CA GLY A 103 2.30 -4.14 -1.00
C GLY A 103 1.64 -4.07 0.37
N THR A 104 1.07 -2.91 0.67
CA THR A 104 0.38 -2.68 1.90
C THR A 104 -1.10 -2.83 1.73
N SER A 105 -1.71 -3.74 2.50
N SER A 105 -1.70 -3.72 2.52
CA SER A 105 -3.16 -3.87 2.48
CA SER A 105 -3.16 -3.88 2.49
C SER A 105 -3.67 -4.18 1.06
C SER A 105 -3.67 -4.18 1.06
N LEU A 106 -4.54 -3.34 0.49
CA LEU A 106 -5.00 -3.56 -0.90
C LEU A 106 -3.80 -3.70 -1.86
N GLY A 107 -2.76 -2.96 -1.60
CA GLY A 107 -1.53 -3.15 -2.35
C GLY A 107 -0.93 -4.54 -2.27
N GLY A 108 -1.08 -5.20 -1.14
CA GLY A 108 -0.66 -6.59 -0.99
C GLY A 108 -1.57 -7.50 -1.81
N LEU A 109 -2.88 -7.26 -1.78
CA LEU A 109 -3.80 -7.99 -2.65
C LEU A 109 -3.39 -7.84 -4.14
N LEU A 110 -3.08 -6.63 -4.55
CA LEU A 110 -2.67 -6.38 -5.94
C LEU A 110 -1.36 -7.10 -6.25
N THR A 111 -0.49 -7.19 -5.25
CA THR A 111 0.77 -7.92 -5.41
C THR A 111 0.49 -9.43 -5.68
N MSE A 112 -0.45 -10.00 -4.95
CA MSE A 112 -0.85 -11.39 -5.23
C MSE A 112 -1.45 -11.58 -6.62
O MSE A 112 -1.09 -12.51 -7.34
CB MSE A 112 -1.80 -11.90 -4.14
CG MSE A 112 -1.18 -12.00 -2.78
SE MSE A 112 -2.46 -12.66 -1.39
CE MSE A 112 -2.30 -11.28 -0.07
N LEU A 113 -2.25 -10.60 -7.06
CA LEU A 113 -2.90 -10.63 -8.34
C LEU A 113 -1.86 -10.49 -9.48
N LEU A 114 -0.88 -9.60 -9.29
CA LEU A 114 0.21 -9.47 -10.27
C LEU A 114 1.01 -10.77 -10.33
N ALA A 115 1.32 -11.39 -9.18
CA ALA A 115 2.12 -12.62 -9.16
C ALA A 115 1.39 -13.73 -9.89
N ALA A 116 0.08 -13.78 -9.72
CA ALA A 116 -0.76 -14.83 -10.32
C ALA A 116 -0.60 -14.91 -11.82
N ALA A 117 -0.38 -13.77 -12.48
CA ALA A 117 -0.20 -13.71 -13.94
C ALA A 117 1.04 -14.50 -14.39
N ASN A 118 2.07 -14.54 -13.53
CA ASN A 118 3.33 -15.27 -13.81
C ASN A 118 4.24 -15.13 -12.61
N PRO A 119 4.20 -16.06 -11.67
CA PRO A 119 4.98 -15.79 -10.47
C PRO A 119 6.47 -15.55 -10.68
N ALA A 120 7.04 -16.04 -11.78
CA ALA A 120 8.47 -15.84 -11.99
C ALA A 120 8.80 -14.37 -12.20
N ARG A 121 7.81 -13.55 -12.53
CA ARG A 121 8.05 -12.13 -12.69
C ARG A 121 8.41 -11.43 -11.36
N ILE A 122 8.08 -12.07 -10.24
CA ILE A 122 8.29 -11.49 -8.91
C ILE A 122 9.66 -11.96 -8.46
N ALA A 123 10.61 -11.04 -8.36
CA ALA A 123 11.94 -11.37 -7.83
C ALA A 123 11.87 -11.71 -6.35
N ALA A 124 11.06 -10.96 -5.63
CA ALA A 124 10.78 -11.15 -4.21
C ALA A 124 9.61 -10.25 -3.86
N ALA A 125 8.99 -10.46 -2.70
CA ALA A 125 7.85 -9.67 -2.32
C ALA A 125 7.75 -9.52 -0.79
N VAL A 126 7.04 -8.46 -0.42
CA VAL A 126 6.69 -8.14 0.93
C VAL A 126 5.21 -7.88 0.97
N LEU A 127 4.48 -8.59 1.84
CA LEU A 127 3.06 -8.35 2.10
C LEU A 127 3.01 -7.66 3.45
N ASN A 128 2.52 -6.44 3.46
CA ASN A 128 2.45 -5.68 4.70
C ASN A 128 1.04 -5.67 5.23
N ASP A 129 0.85 -6.53 6.22
CA ASP A 129 -0.38 -6.62 7.03
C ASP A 129 -1.62 -6.93 6.22
N VAL A 130 -1.46 -7.86 5.30
CA VAL A 130 -2.58 -8.34 4.55
C VAL A 130 -2.28 -9.79 4.18
N GLY A 131 -3.35 -10.58 4.09
CA GLY A 131 -3.27 -11.99 3.73
C GLY A 131 -4.52 -12.47 3.04
N PRO A 132 -4.55 -13.77 2.66
CA PRO A 132 -5.69 -14.32 1.92
C PRO A 132 -6.94 -14.53 2.77
N GLU A 133 -6.86 -14.24 4.06
CA GLU A 133 -8.04 -14.18 4.94
C GLU A 133 -7.98 -12.81 5.58
N VAL A 134 -9.05 -12.05 5.40
CA VAL A 134 -9.15 -10.69 5.90
C VAL A 134 -10.19 -10.64 7.03
N SER A 135 -9.81 -10.08 8.18
CA SER A 135 -10.65 -10.08 9.38
C SER A 135 -11.80 -9.11 9.14
N PRO A 136 -13.05 -9.52 9.48
CA PRO A 136 -14.26 -8.71 9.24
C PRO A 136 -14.30 -7.40 10.03
N GLU A 137 -13.73 -7.42 11.25
CA GLU A 137 -13.58 -6.21 12.08
C GLU A 137 -12.95 -5.07 11.29
N GLY A 138 -11.83 -5.35 10.64
CA GLY A 138 -11.15 -4.35 9.84
C GLY A 138 -11.95 -3.91 8.64
N LEU A 139 -12.65 -4.83 7.99
CA LEU A 139 -13.42 -4.47 6.79
C LEU A 139 -14.57 -3.55 7.17
N GLU A 140 -15.25 -3.87 8.27
CA GLU A 140 -16.28 -3.00 8.86
C GLU A 140 -15.79 -1.56 9.12
N ARG A 141 -14.59 -1.43 9.69
CA ARG A 141 -14.03 -0.10 9.94
C ARG A 141 -13.79 0.63 8.62
N ILE A 142 -13.31 -0.07 7.59
CA ILE A 142 -13.00 0.60 6.32
C ILE A 142 -14.27 1.20 5.69
N ARG A 143 -15.29 0.37 5.56
CA ARG A 143 -16.57 0.80 5.07
C ARG A 143 -17.01 2.07 5.82
N GLY A 144 -16.72 2.11 7.12
CA GLY A 144 -17.11 3.25 7.95
C GLY A 144 -16.37 4.56 7.77
N TYR A 145 -15.11 4.53 7.33
CA TYR A 145 -14.33 5.77 7.30
C TYR A 145 -14.06 6.32 5.89
N VAL A 146 -14.05 5.46 4.90
CA VAL A 146 -13.73 5.90 3.55
C VAL A 146 -14.78 6.88 3.05
N GLY A 147 -14.32 8.00 2.51
CA GLY A 147 -15.18 9.01 1.94
C GLY A 147 -16.02 9.80 2.96
N GLN A 148 -15.81 9.58 4.27
CA GLN A 148 -16.63 10.25 5.31
C GLN A 148 -16.41 11.75 5.33
N GLY A 149 -15.22 12.17 4.93
CA GLY A 149 -15.06 13.51 4.38
C GLY A 149 -14.70 14.57 5.40
N ARG A 150 -14.26 14.17 6.58
CA ARG A 150 -13.82 15.19 7.57
C ARG A 150 -12.65 15.99 7.04
N ASN A 151 -12.66 17.30 7.32
CA ASN A 151 -11.59 18.20 6.88
C ASN A 151 -11.31 19.21 8.02
N PHE A 152 -10.15 19.86 7.96
CA PHE A 152 -9.61 20.62 9.10
C PHE A 152 -8.99 21.92 8.70
N GLU A 153 -8.98 22.89 9.63
CA GLU A 153 -8.29 24.16 9.40
C GLU A 153 -6.81 24.05 9.59
N THR A 154 -6.38 23.19 10.54
CA THR A 154 -4.97 23.10 10.89
C THR A 154 -4.47 21.67 10.93
N TRP A 155 -3.15 21.53 10.76
CA TRP A 155 -2.52 20.20 10.83
C TRP A 155 -2.64 19.58 12.22
N MSE A 156 -2.62 20.42 13.25
CA MSE A 156 -2.71 19.89 14.59
C MSE A 156 -4.09 19.29 14.80
O MSE A 156 -4.20 18.23 15.39
CB MSE A 156 -2.48 20.97 15.61
CG MSE A 156 -2.46 20.44 17.01
SE MSE A 156 -0.91 19.21 17.35
CE MSE A 156 0.25 20.03 16.26
N HIS A 157 -5.14 20.01 14.39
CA HIS A 157 -6.49 19.48 14.50
C HIS A 157 -6.62 18.18 13.70
N ALA A 158 -6.09 18.13 12.50
CA ALA A 158 -6.09 16.89 11.72
C ALA A 158 -5.40 15.73 12.43
N ALA A 159 -4.19 15.99 12.95
CA ALA A 159 -3.44 15.00 13.66
C ALA A 159 -4.21 14.46 14.84
N ARG A 160 -4.80 15.34 15.63
CA ARG A 160 -5.56 14.90 16.80
C ARG A 160 -6.77 14.07 16.39
N ALA A 161 -7.38 14.39 15.27
CA ALA A 161 -8.51 13.60 14.77
C ALA A 161 -8.07 12.20 14.39
N LEU A 162 -6.86 12.06 13.82
CA LEU A 162 -6.34 10.77 13.44
C LEU A 162 -5.98 9.95 14.64
N GLN A 163 -5.37 10.57 15.64
CA GLN A 163 -5.10 9.88 16.90
C GLN A 163 -6.38 9.39 17.58
N GLU A 164 -7.45 10.20 17.50
CA GLU A 164 -8.73 9.82 18.12
C GLU A 164 -9.21 8.51 17.51
N SER A 165 -9.05 8.29 16.21
CA SER A 165 -9.55 7.03 15.61
C SER A 165 -8.53 5.92 15.47
N SER A 166 -7.25 6.25 15.46
CA SER A 166 -6.20 5.25 15.26
C SER A 166 -5.19 5.12 16.40
N GLY A 167 -5.44 5.80 17.50
CA GLY A 167 -4.58 5.69 18.69
C GLY A 167 -4.49 4.27 19.22
N ASP A 168 -5.48 3.45 18.94
CA ASP A 168 -5.39 2.02 19.30
C ASP A 168 -4.41 1.26 18.41
N VAL A 169 -4.25 1.71 17.17
CA VAL A 169 -3.36 1.11 16.18
C VAL A 169 -1.90 1.46 16.52
N TYR A 170 -1.70 2.70 16.95
CA TYR A 170 -0.35 3.22 17.20
C TYR A 170 -0.33 3.90 18.57
N PRO A 171 -0.49 3.10 19.63
CA PRO A 171 -0.61 3.69 20.94
C PRO A 171 0.62 4.37 21.50
N ASP A 172 1.79 4.10 20.96
CA ASP A 172 3.03 4.64 21.53
C ASP A 172 3.55 5.83 20.78
N TRP A 173 2.89 6.21 19.69
CA TRP A 173 3.33 7.36 18.92
C TRP A 173 3.24 8.69 19.66
N ASP A 174 4.20 9.55 19.36
CA ASP A 174 4.21 10.91 19.86
C ASP A 174 3.63 11.84 18.75
N ILE A 175 3.51 13.13 19.05
CA ILE A 175 2.81 14.06 18.16
C ILE A 175 3.53 14.23 16.86
N THR A 176 4.86 14.14 16.88
CA THR A 176 5.62 14.28 15.66
C THR A 176 5.33 13.11 14.69
N GLN A 177 5.13 11.92 15.27
CA GLN A 177 4.75 10.76 14.48
C GLN A 177 3.34 10.93 13.90
N TRP A 178 2.36 11.39 14.69
CA TRP A 178 1.04 11.68 14.12
C TRP A 178 1.03 12.72 13.00
N LEU A 179 1.86 13.76 13.13
CA LEU A 179 1.93 14.82 12.12
C LEU A 179 2.55 14.29 10.82
N ARG A 180 3.60 13.51 10.98
CA ARG A 180 4.27 12.88 9.82
C ARG A 180 3.27 11.99 9.06
N TYR A 181 2.51 11.21 9.82
CA TYR A 181 1.49 10.36 9.24
C TYR A 181 0.40 11.19 8.56
N ALA A 182 -0.08 12.26 9.21
CA ALA A 182 -1.17 13.11 8.71
C ALA A 182 -0.76 13.62 7.32
N LYS A 183 0.49 14.11 7.19
CA LYS A 183 0.88 14.72 5.92
C LYS A 183 0.99 13.67 4.83
N ARG A 184 1.21 12.42 5.20
CA ARG A 184 1.26 11.37 4.17
C ARG A 184 -0.10 11.03 3.57
N ILE A 185 -1.18 11.19 4.35
CA ILE A 185 -2.49 10.73 3.93
C ILE A 185 -3.48 11.86 3.64
N MSE A 186 -3.10 13.09 4.01
CA MSE A 186 -3.96 14.25 3.83
C MSE A 186 -3.17 15.32 3.12
O MSE A 186 -1.95 15.30 3.05
CB MSE A 186 -4.52 14.77 5.18
CG MSE A 186 -5.05 13.72 6.08
SE MSE A 186 -5.94 14.44 7.63
CE MSE A 186 -7.49 15.08 6.73
N VAL A 187 -3.89 16.31 2.63
CA VAL A 187 -3.29 17.40 1.85
C VAL A 187 -4.02 18.71 2.11
N LEU A 188 -3.28 19.80 2.09
CA LEU A 188 -3.88 21.13 2.14
C LEU A 188 -4.43 21.40 0.75
N GLY A 189 -5.75 21.34 0.64
CA GLY A 189 -6.45 21.56 -0.62
C GLY A 189 -6.64 23.00 -1.05
N SER A 190 -7.36 23.12 -2.17
CA SER A 190 -7.65 24.38 -2.86
C SER A 190 -8.36 25.38 -1.95
N SER A 191 -9.33 24.86 -1.20
CA SER A 191 -10.17 25.68 -0.32
C SER A 191 -9.48 26.06 1.01
N GLY A 192 -8.20 25.72 1.17
CA GLY A 192 -7.48 26.02 2.39
C GLY A 192 -7.79 25.09 3.56
N ARG A 193 -8.46 23.96 3.29
CA ARG A 193 -8.73 22.99 4.31
C ARG A 193 -7.85 21.75 4.08
N ILE A 194 -7.55 21.07 5.16
CA ILE A 194 -6.79 19.85 5.10
C ILE A 194 -7.74 18.69 5.01
N ALA A 195 -7.57 17.85 3.97
CA ALA A 195 -8.52 16.80 3.72
C ALA A 195 -7.76 15.55 3.27
N PHE A 196 -8.41 14.40 3.35
CA PHE A 196 -7.80 13.16 2.88
C PHE A 196 -7.53 13.26 1.37
N ASP A 197 -6.37 12.75 0.98
CA ASP A 197 -5.83 12.99 -0.38
C ASP A 197 -6.30 11.94 -1.38
N TYR A 198 -7.63 11.89 -1.56
CA TYR A 198 -8.17 10.95 -2.54
C TYR A 198 -9.53 11.46 -2.96
N ASP A 199 -10.01 10.98 -4.11
CA ASP A 199 -11.39 11.27 -4.57
C ASP A 199 -12.46 10.65 -3.62
N MSE A 200 -13.27 11.49 -2.98
N MSE A 200 -13.28 11.50 -3.00
CA MSE A 200 -14.32 11.00 -2.13
CA MSE A 200 -14.36 11.06 -2.14
C MSE A 200 -15.24 9.97 -2.81
C MSE A 200 -15.34 10.07 -2.81
O MSE A 200 -15.71 9.04 -2.14
O MSE A 200 -16.02 9.30 -2.11
CB MSE A 200 -15.17 12.16 -1.59
CB MSE A 200 -15.15 12.28 -1.61
CG MSE A 200 -14.47 13.02 -0.54
CG MSE A 200 -15.94 13.03 -2.66
SE MSE A 200 -13.74 12.12 1.04
SE MSE A 200 -16.59 14.73 -1.88
CE MSE A 200 -11.81 12.30 0.64
CE MSE A 200 -17.02 14.01 -0.10
N LYS A 201 -15.39 10.08 -4.13
CA LYS A 201 -16.24 9.17 -4.88
C LYS A 201 -15.77 7.71 -4.86
N ILE A 202 -14.53 7.46 -4.41
CA ILE A 202 -14.08 6.13 -4.11
C ILE A 202 -15.00 5.41 -3.13
N ALA A 203 -15.68 6.15 -2.28
CA ALA A 203 -16.61 5.55 -1.32
C ALA A 203 -17.91 5.00 -1.92
N GLU A 204 -18.24 5.41 -3.14
CA GLU A 204 -19.45 4.94 -3.80
C GLU A 204 -19.34 3.45 -4.03
N PRO A 205 -20.28 2.67 -3.50
CA PRO A 205 -20.12 1.19 -3.61
C PRO A 205 -20.22 0.58 -4.99
N PHE A 206 -21.15 1.10 -5.77
CA PHE A 206 -21.60 0.41 -6.99
C PHE A 206 -21.88 -1.05 -6.62
N GLU A 207 -21.25 -2.03 -7.23
CA GLU A 207 -21.68 -3.42 -6.92
C GLU A 207 -21.36 -3.97 -5.52
N ALA A 208 -20.38 -3.38 -4.84
CA ALA A 208 -19.99 -3.88 -3.50
C ALA A 208 -19.35 -2.78 -2.73
N PRO A 209 -19.54 -2.75 -1.41
CA PRO A 209 -18.94 -1.72 -0.60
C PRO A 209 -17.45 -1.66 -0.78
N VAL A 210 -16.92 -0.45 -0.61
CA VAL A 210 -15.52 -0.20 -0.77
C VAL A 210 -14.72 -1.09 0.19
N GLY A 211 -13.61 -1.60 -0.32
CA GLY A 211 -12.77 -2.46 0.48
C GLY A 211 -13.10 -3.93 0.38
N ALA A 212 -14.23 -4.26 -0.25
CA ALA A 212 -14.68 -5.65 -0.32
C ALA A 212 -13.61 -6.45 -1.04
N THR A 213 -13.34 -7.65 -0.52
CA THR A 213 -12.33 -8.52 -1.12
C THR A 213 -12.97 -9.25 -2.32
N PRO A 214 -12.13 -9.67 -3.28
CA PRO A 214 -12.66 -10.47 -4.38
C PRO A 214 -13.36 -11.72 -3.86
N GLN A 215 -14.42 -12.15 -4.56
CA GLN A 215 -15.33 -13.21 -4.07
C GLN A 215 -14.78 -14.59 -4.45
N VAL A 216 -13.62 -14.91 -3.86
CA VAL A 216 -12.83 -16.08 -4.26
C VAL A 216 -11.99 -16.46 -3.02
N ASP A 217 -11.73 -17.75 -2.87
CA ASP A 217 -10.76 -18.23 -1.90
C ASP A 217 -9.44 -17.65 -2.36
N MSE A 218 -8.81 -16.81 -1.54
CA MSE A 218 -7.53 -16.20 -1.91
C MSE A 218 -6.28 -16.95 -1.52
O MSE A 218 -5.18 -16.55 -1.89
CB MSE A 218 -7.44 -14.77 -1.40
CG MSE A 218 -8.52 -13.92 -2.05
SE MSE A 218 -8.24 -12.09 -1.59
CE MSE A 218 -8.69 -12.19 0.31
N TRP A 219 -6.43 -18.08 -0.84
CA TRP A 219 -5.26 -18.91 -0.56
C TRP A 219 -4.46 -19.29 -1.81
N PRO A 220 -5.14 -19.64 -2.93
CA PRO A 220 -4.37 -19.95 -4.15
C PRO A 220 -3.52 -18.80 -4.65
N LEU A 221 -4.00 -17.56 -4.49
CA LEU A 221 -3.23 -16.39 -4.91
C LEU A 221 -2.02 -16.20 -3.96
N PHE A 222 -2.23 -16.40 -2.67
CA PHE A 222 -1.12 -16.33 -1.74
C PHE A 222 -0.09 -17.38 -2.06
N ASP A 223 -0.59 -18.58 -2.29
CA ASP A 223 0.33 -19.71 -2.48
C ASP A 223 1.19 -19.54 -3.71
N ALA A 224 0.64 -18.95 -4.77
CA ALA A 224 1.44 -18.70 -5.95
C ALA A 224 2.53 -17.67 -5.65
N LEU A 225 2.15 -16.60 -4.95
CA LEU A 225 3.15 -15.63 -4.49
C LEU A 225 4.25 -16.24 -3.61
N ALA A 226 3.83 -17.12 -2.68
CA ALA A 226 4.74 -17.77 -1.76
C ALA A 226 5.69 -18.76 -2.38
N THR A 227 5.52 -19.10 -3.67
CA THR A 227 6.59 -19.79 -4.38
C THR A 227 7.85 -18.95 -4.68
N ARG A 228 7.78 -17.63 -4.43
CA ARG A 228 8.86 -16.70 -4.64
C ARG A 228 9.29 -16.24 -3.25
N PRO A 229 10.52 -15.69 -3.11
CA PRO A 229 10.95 -15.18 -1.78
C PRO A 229 9.97 -14.17 -1.22
N LEU A 230 9.56 -14.39 0.02
CA LEU A 230 8.46 -13.64 0.60
C LEU A 230 8.69 -13.35 2.06
N LEU A 231 8.42 -12.09 2.38
CA LEU A 231 8.26 -11.58 3.73
C LEU A 231 6.82 -11.14 3.94
N VAL A 232 6.29 -11.54 5.09
CA VAL A 232 5.00 -11.08 5.59
C VAL A 232 5.23 -10.27 6.86
N LEU A 233 4.84 -9.02 6.88
CA LEU A 233 4.84 -8.18 8.06
C LEU A 233 3.42 -8.16 8.64
N ARG A 234 3.31 -8.21 9.94
CA ARG A 234 2.02 -8.17 10.61
C ARG A 234 2.12 -7.23 11.81
N GLY A 235 1.15 -6.34 11.98
CA GLY A 235 1.01 -5.63 13.23
C GLY A 235 0.47 -6.56 14.32
N GLU A 236 1.11 -6.57 15.50
CA GLU A 236 0.72 -7.46 16.58
C GLU A 236 -0.79 -7.40 16.87
N THR A 237 -1.37 -6.21 16.77
CA THR A 237 -2.78 -5.98 17.10
C THR A 237 -3.69 -5.80 15.89
N SER A 238 -3.21 -6.20 14.71
CA SER A 238 -3.93 -5.96 13.48
C SER A 238 -5.33 -6.52 13.52
N ASP A 239 -6.29 -5.67 13.15
CA ASP A 239 -7.69 -6.06 12.94
C ASP A 239 -7.99 -6.54 11.51
N ILE A 240 -6.96 -6.75 10.70
CA ILE A 240 -7.10 -7.09 9.27
C ILE A 240 -6.47 -8.45 9.04
N LEU A 241 -5.31 -8.66 9.64
CA LEU A 241 -4.56 -9.92 9.50
C LEU A 241 -4.42 -10.52 10.90
N SER A 242 -5.06 -11.68 11.11
CA SER A 242 -4.98 -12.37 12.37
C SER A 242 -3.64 -13.09 12.55
N ALA A 243 -3.23 -13.28 13.82
CA ALA A 243 -2.03 -14.05 14.11
C ALA A 243 -2.11 -15.47 13.53
N GLN A 244 -3.30 -16.05 13.60
N GLN A 244 -3.30 -16.07 13.61
CA GLN A 244 -3.53 -17.38 13.07
CA GLN A 244 -3.51 -17.41 13.07
C GLN A 244 -3.29 -17.47 11.56
C GLN A 244 -3.29 -17.50 11.55
N THR A 245 -3.84 -16.54 10.81
CA THR A 245 -3.68 -16.52 9.35
C THR A 245 -2.20 -16.30 8.96
N ALA A 246 -1.56 -15.38 9.67
CA ALA A 246 -0.11 -15.11 9.48
C ALA A 246 0.74 -16.35 9.74
N ALA A 247 0.44 -17.10 10.80
CA ALA A 247 1.22 -18.34 11.08
C ALA A 247 0.98 -19.39 9.97
N LYS A 248 -0.25 -19.48 9.45
CA LYS A 248 -0.50 -20.31 8.27
C LYS A 248 0.29 -19.89 7.04
N MSE A 249 0.34 -18.58 6.78
CA MSE A 249 1.19 -18.03 5.71
C MSE A 249 2.67 -18.44 5.92
O MSE A 249 3.35 -18.94 4.99
CB MSE A 249 1.02 -16.50 5.63
CG MSE A 249 -0.36 -16.07 5.16
SE MSE A 249 -0.72 -14.24 5.64
CE MSE A 249 0.01 -13.34 4.09
N ALA A 250 3.18 -18.24 7.14
CA ALA A 250 4.56 -18.52 7.46
C ALA A 250 4.93 -19.97 7.35
N SER A 251 3.94 -20.88 7.34
CA SER A 251 4.20 -22.31 7.27
C SER A 251 4.67 -22.75 5.89
N ARG A 252 4.43 -21.92 4.88
CA ARG A 252 4.95 -22.19 3.55
C ARG A 252 6.47 -22.01 3.52
N PRO A 253 7.16 -22.90 2.81
CA PRO A 253 8.61 -22.82 2.73
C PRO A 253 9.17 -21.50 2.22
N GLY A 254 10.20 -20.99 2.92
CA GLY A 254 10.81 -19.72 2.57
C GLY A 254 10.08 -18.47 3.02
N VAL A 255 8.86 -18.57 3.54
CA VAL A 255 8.14 -17.39 3.92
C VAL A 255 8.60 -16.98 5.32
N GLU A 256 9.08 -15.75 5.43
CA GLU A 256 9.44 -15.22 6.74
C GLU A 256 8.31 -14.32 7.25
N LEU A 257 7.90 -14.51 8.51
CA LEU A 257 6.91 -13.65 9.17
C LEU A 257 7.62 -12.81 10.21
N VAL A 258 7.35 -11.51 10.19
CA VAL A 258 7.80 -10.56 11.25
C VAL A 258 6.60 -9.87 11.83
N THR A 259 6.43 -9.97 13.15
CA THR A 259 5.36 -9.28 13.83
C THR A 259 5.93 -8.06 14.54
N LEU A 260 5.31 -6.90 14.30
CA LEU A 260 5.71 -5.60 14.88
C LEU A 260 4.97 -5.40 16.18
N PRO A 261 5.72 -5.32 17.29
CA PRO A 261 5.03 -5.14 18.60
C PRO A 261 4.21 -3.87 18.74
N ARG A 262 3.05 -4.00 19.39
CA ARG A 262 2.23 -2.87 19.84
C ARG A 262 1.69 -1.98 18.72
N ILE A 263 1.59 -2.50 17.50
CA ILE A 263 0.96 -1.75 16.46
C ILE A 263 0.01 -2.65 15.69
N GLY A 264 -0.95 -2.01 15.04
CA GLY A 264 -2.02 -2.72 14.37
C GLY A 264 -1.89 -2.62 12.88
N HIS A 265 -3.03 -2.48 12.22
CA HIS A 265 -3.08 -2.38 10.77
C HIS A 265 -2.80 -0.96 10.31
N ALA A 266 -1.69 -0.67 9.62
CA ALA A 266 -0.56 -1.53 9.24
C ALA A 266 0.77 -0.89 9.75
N PRO A 267 1.83 -1.72 9.87
CA PRO A 267 3.18 -1.17 10.01
C PRO A 267 3.44 -0.08 8.96
N THR A 268 4.13 1.01 9.36
CA THR A 268 4.41 2.11 8.47
C THR A 268 5.59 1.75 7.51
N LEU A 269 6.37 0.70 7.88
CA LEU A 269 7.63 0.28 7.27
C LEU A 269 8.79 1.19 7.64
N ASP A 270 8.54 2.16 8.53
CA ASP A 270 9.61 3.00 9.12
C ASP A 270 10.13 2.48 10.48
N GLU A 271 9.45 1.47 11.03
CA GLU A 271 9.95 0.78 12.22
C GLU A 271 11.29 0.10 11.95
N PRO A 272 12.25 0.22 12.89
CA PRO A 272 13.53 -0.46 12.65
C PRO A 272 13.43 -1.93 12.27
N GLU A 273 12.54 -2.64 12.96
CA GLU A 273 12.37 -4.06 12.66
C GLU A 273 11.82 -4.28 11.22
N SER A 274 10.95 -3.39 10.74
CA SER A 274 10.41 -3.50 9.40
C SER A 274 11.51 -3.25 8.40
N ILE A 275 12.30 -2.21 8.62
CA ILE A 275 13.39 -1.84 7.70
C ILE A 275 14.35 -3.03 7.59
N ALA A 276 14.77 -3.54 8.73
CA ALA A 276 15.70 -4.67 8.78
C ALA A 276 15.11 -5.89 8.07
N ALA A 277 13.80 -6.14 8.28
CA ALA A 277 13.11 -7.27 7.62
C ALA A 277 13.15 -7.15 6.09
N ILE A 278 12.81 -5.97 5.60
CA ILE A 278 12.84 -5.67 4.19
C ILE A 278 14.26 -5.87 3.62
N GLY A 279 15.29 -5.46 4.40
CA GLY A 279 16.67 -5.68 3.98
C GLY A 279 16.98 -7.16 3.82
N ARG A 280 16.53 -7.99 4.75
CA ARG A 280 16.74 -9.43 4.66
C ARG A 280 16.06 -10.02 3.43
N LEU A 281 14.87 -9.51 3.13
CA LEU A 281 14.07 -9.99 1.96
C LEU A 281 14.77 -9.64 0.69
N LEU A 282 15.28 -8.42 0.64
CA LEU A 282 15.95 -7.91 -0.55
C LEU A 282 17.25 -8.68 -0.86
N GLU A 283 17.89 -9.24 0.18
CA GLU A 283 19.09 -10.08 -0.03
C GLU A 283 18.77 -11.36 -0.75
N ARG A 284 17.51 -11.76 -0.82
CA ARG A 284 17.11 -13.05 -1.37
C ARG A 284 16.79 -12.88 -2.84
N VAL A 285 16.90 -11.65 -3.35
CA VAL A 285 16.67 -11.41 -4.77
C VAL A 285 17.82 -11.95 -5.61
CA CA B . -17.15 -1.11 -4.97
CA CA C . 22.77 -11.54 6.54
CL CL D . -12.21 -1.41 -3.41
CL CL E . -10.17 22.29 12.33
C1 EDO F . 7.05 4.59 13.62
O1 EDO F . 6.64 4.16 12.32
C2 EDO F . 8.43 4.07 13.88
O2 EDO F . 9.31 4.98 13.20
C1 EDO G . 10.73 7.55 10.23
O1 EDO G . 11.17 7.19 8.92
C2 EDO G . 11.74 7.03 11.23
O2 EDO G . 12.99 7.71 11.04
C1 EDO H . 5.43 7.15 10.41
O1 EDO H . 6.82 7.32 10.08
C2 EDO H . 5.05 7.93 11.68
O2 EDO H . 5.77 7.36 12.77
C1 EDO I . 2.36 9.59 -19.50
O1 EDO I . 2.23 10.97 -19.46
C2 EDO I . 2.51 9.17 -20.94
O2 EDO I . 1.93 7.88 -21.02
C1 EDO J . 10.02 17.06 -8.33
O1 EDO J . 9.46 16.65 -9.55
C2 EDO J . 11.35 16.39 -8.20
O2 EDO J . 11.46 15.91 -6.87
C1 EDO K . -4.16 -22.35 5.03
O1 EDO K . -3.15 -23.30 5.40
C2 EDO K . -5.16 -22.87 4.01
O2 EDO K . -4.46 -23.36 2.87
C1 EDO L . 10.50 -12.67 -15.90
O1 EDO L . 9.39 -11.95 -16.46
C2 EDO L . 10.08 -14.12 -15.62
O2 EDO L . 9.14 -14.61 -16.59
C1 EDO M . 6.31 -8.13 -15.67
O1 EDO M . 5.68 -7.22 -16.60
C2 EDO M . 6.12 -9.55 -16.19
O2 EDO M . 7.26 -10.00 -16.95
C1 EDO N . 2.90 22.84 7.12
O1 EDO N . 4.08 23.39 6.49
C2 EDO N . 2.05 23.90 7.79
O2 EDO N . 2.24 25.23 7.28
C1 EDO O . -11.65 11.42 10.45
O1 EDO O . -12.79 11.13 11.26
C2 EDO O . -10.35 11.30 11.26
O2 EDO O . -10.19 10.00 11.86
C1 EDO P . -11.94 8.00 -17.31
O1 EDO P . -12.03 9.28 -16.68
C2 EDO P . -12.25 6.85 -16.36
O2 EDO P . -13.61 6.91 -15.93
C1 EDO Q . -5.55 1.78 -4.11
O1 EDO Q . -4.58 2.71 -3.56
C2 EDO Q . -4.89 0.39 -4.17
O2 EDO Q . -4.65 -0.11 -2.84
C1 EDO R . 2.52 12.85 -4.69
O1 EDO R . 2.15 14.20 -4.42
C2 EDO R . 1.95 12.01 -3.59
O2 EDO R . 0.55 12.16 -3.70
C1 EDO S . -4.88 22.68 18.08
O1 EDO S . -4.13 23.88 18.04
C2 EDO S . -4.57 21.77 19.27
O2 EDO S . -5.14 20.46 19.03
#